data_4OBD
#
_entry.id   4OBD
#
_cell.length_a   51.474
_cell.length_b   59.545
_cell.length_c   59.362
_cell.angle_alpha   90.00
_cell.angle_beta   98.60
_cell.angle_gamma   90.00
#
_symmetry.space_group_name_H-M   'P 1 21 1'
#
loop_
_entity.id
_entity.type
_entity.pdbx_description
1 polymer 'HIV-1 Protease'
2 polymer 'p1-p6 peptide'
3 non-polymer GLYCEROL
4 non-polymer 1,2-ETHANEDIOL
5 water water
#
loop_
_entity_poly.entity_id
_entity_poly.type
_entity_poly.pdbx_seq_one_letter_code
_entity_poly.pdbx_strand_id
1 'polypeptide(L)'
;PQITLWKRPLVTIRIGGQLKEALLNTGADNTVLEEMNLPGKWKPKMIGGIGGFIKVRQYDQIPIEICGHKAIGTVLVGPT
PVNIIGRDLLTQIGCTLNF
;
A,B,C,D
2 'polypeptide(L)' RPGNFFQNRP E,F
#
# COMPACT_ATOMS: atom_id res chain seq x y z
N PRO A 1 13.48 2.70 -10.55
CA PRO A 1 14.70 1.89 -10.51
C PRO A 1 14.49 0.58 -9.78
N GLN A 2 15.41 -0.35 -9.98
CA GLN A 2 15.44 -1.61 -9.25
C GLN A 2 16.62 -1.61 -8.29
N ILE A 3 16.33 -1.51 -7.00
CA ILE A 3 17.39 -1.43 -5.98
C ILE A 3 17.69 -2.80 -5.38
N THR A 4 18.93 -3.24 -5.59
CA THR A 4 19.42 -4.49 -5.07
C THR A 4 19.88 -4.24 -3.63
N LEU A 5 20.11 -5.31 -2.87
CA LEU A 5 20.25 -5.14 -1.45
C LEU A 5 21.61 -5.59 -0.96
N TRP A 6 22.59 -5.63 -1.84
CA TRP A 6 23.94 -6.01 -1.46
C TRP A 6 24.53 -5.05 -0.44
N LYS A 7 24.13 -3.78 -0.52
CA LYS A 7 24.52 -2.73 0.42
C LYS A 7 23.24 -2.14 0.97
N ARG A 8 23.32 -1.36 2.05
CA ARG A 8 22.15 -0.62 2.53
C ARG A 8 21.58 0.27 1.42
N PRO A 9 20.24 0.27 1.29
CA PRO A 9 19.57 1.04 0.24
C PRO A 9 19.41 2.50 0.69
N LEU A 10 20.50 3.24 0.56
CA LEU A 10 20.54 4.60 1.04
C LEU A 10 20.31 5.50 -0.15
N VAL A 11 19.43 6.49 0.03
CA VAL A 11 19.06 7.41 -1.04
C VAL A 11 19.12 8.84 -0.57
N THR A 12 19.23 9.74 -1.54
CA THR A 12 19.14 11.16 -1.20
C THR A 12 17.69 11.55 -1.07
N ILE A 13 17.38 12.31 -0.04
CA ILE A 13 16.06 12.91 0.02
C ILE A 13 16.25 14.41 0.02
N ARG A 14 15.21 15.10 -0.41
CA ARG A 14 15.22 16.56 -0.31
C ARG A 14 13.99 16.98 0.46
N ILE A 15 14.18 17.75 1.53
CA ILE A 15 13.06 18.21 2.30
C ILE A 15 13.32 19.66 2.73
N GLY A 16 12.38 20.52 2.37
CA GLY A 16 12.53 21.97 2.48
C GLY A 16 13.87 22.52 2.05
N GLY A 17 14.34 22.12 0.87
CA GLY A 17 15.65 22.56 0.38
C GLY A 17 16.90 21.89 0.94
N GLN A 18 16.71 21.02 1.92
CA GLN A 18 17.85 20.38 2.59
C GLN A 18 18.01 18.98 2.00
N LEU A 19 19.24 18.66 1.62
CA LEU A 19 19.62 17.32 1.16
C LEU A 19 20.01 16.44 2.35
N LYS A 20 19.42 15.25 2.43
CA LYS A 20 19.78 14.29 3.47
C LYS A 20 19.89 12.91 2.86
N GLU A 21 20.53 12.02 3.60
CA GLU A 21 20.73 10.66 3.17
C GLU A 21 19.76 9.84 4.02
N ALA A 22 18.98 8.97 3.38
CA ALA A 22 18.05 8.15 4.15
C ALA A 22 17.93 6.70 3.66
N LEU A 23 17.53 5.84 4.59
CA LEU A 23 17.53 4.39 4.37
C LEU A 23 16.14 3.96 3.95
N LEU A 24 16.00 3.21 2.87
CA LEU A 24 14.69 2.70 2.47
C LEU A 24 14.39 1.44 3.28
N ASN A 25 13.39 1.50 4.16
CA ASN A 25 13.18 0.51 5.15
C ASN A 25 11.77 -0.07 5.09
N THR A 26 11.68 -1.24 4.46
CA THR A 26 10.40 -1.94 4.41
C THR A 26 9.95 -2.49 5.75
N GLY A 27 10.84 -2.53 6.74
CA GLY A 27 10.49 -2.89 8.13
C GLY A 27 10.14 -1.72 9.04
N ALA A 28 9.88 -0.54 8.48
CA ALA A 28 9.34 0.59 9.23
C ALA A 28 7.95 0.95 8.72
N ASP A 29 6.98 1.08 9.62
CA ASP A 29 5.63 1.49 9.18
C ASP A 29 5.68 2.99 8.80
N ASN A 30 6.52 3.77 9.49
CA ASN A 30 6.54 5.23 9.30
C ASN A 30 7.94 5.76 9.06
N THR A 31 8.03 6.99 8.54
CA THR A 31 9.28 7.67 8.19
C THR A 31 9.71 8.49 9.40
N VAL A 32 10.97 8.33 9.80
CA VAL A 32 11.53 9.08 10.91
C VAL A 32 12.89 9.63 10.56
N LEU A 33 13.02 10.94 10.74
CA LEU A 33 14.23 11.63 10.36
C LEU A 33 14.89 12.18 11.62
N GLU A 34 16.20 12.39 11.52
CA GLU A 34 16.98 13.06 12.54
C GLU A 34 16.43 14.48 12.78
N GLU A 35 16.57 14.98 14.01
CA GLU A 35 15.97 16.25 14.40
C GLU A 35 16.07 17.27 13.30
N MET A 36 14.96 17.93 13.03
CA MET A 36 15.01 19.02 12.09
C MET A 36 13.82 19.89 12.38
N ASN A 37 13.98 21.19 12.14
CA ASN A 37 12.89 22.12 12.37
C ASN A 37 12.01 21.98 11.16
N LEU A 38 10.76 21.62 11.37
CA LEU A 38 9.87 21.53 10.24
C LEU A 38 8.79 22.52 10.61
N PRO A 39 8.09 23.08 9.60
CA PRO A 39 6.95 23.98 9.82
C PRO A 39 5.70 23.23 10.29
N GLY A 40 4.93 23.88 11.15
CA GLY A 40 3.57 23.48 11.45
C GLY A 40 3.43 22.84 12.81
N LYS A 41 2.21 22.48 13.16
CA LYS A 41 1.92 21.88 14.46
C LYS A 41 2.53 20.49 14.51
N TRP A 42 2.89 20.04 15.68
CA TRP A 42 3.34 18.66 15.83
C TRP A 42 2.76 18.04 17.09
N LYS A 43 2.70 16.70 17.11
CA LYS A 43 2.21 15.97 18.28
C LYS A 43 3.30 14.99 18.71
N PRO A 44 3.44 14.78 20.01
CA PRO A 44 4.38 13.78 20.53
C PRO A 44 3.93 12.35 20.25
N LYS A 45 4.87 11.45 19.92
CA LYS A 45 4.55 10.06 19.58
C LYS A 45 5.68 9.18 20.09
N MET A 46 5.39 7.91 20.34
CA MET A 46 6.42 6.98 20.75
C MET A 46 6.51 5.93 19.66
N ILE A 47 7.71 5.68 19.16
CA ILE A 47 7.91 4.63 18.19
C ILE A 47 8.94 3.63 18.71
N GLY A 48 8.69 2.38 18.35
CA GLY A 48 9.42 1.26 18.96
C GLY A 48 9.98 0.34 17.92
N GLY A 49 10.93 -0.45 18.38
CA GLY A 49 11.42 -1.56 17.60
C GLY A 49 12.48 -2.28 18.41
N ILE A 50 13.54 -2.73 17.75
CA ILE A 50 14.59 -3.45 18.46
C ILE A 50 15.25 -2.46 19.42
N GLY A 51 15.39 -2.87 20.66
CA GLY A 51 15.99 -2.01 21.69
C GLY A 51 14.98 -1.17 22.47
N GLY A 52 13.71 -1.15 22.08
CA GLY A 52 12.68 -0.42 22.85
C GLY A 52 12.16 0.79 22.09
N PHE A 53 11.81 1.86 22.79
CA PHE A 53 11.04 2.95 22.18
C PHE A 53 11.78 4.27 22.34
N ILE A 54 11.50 5.18 21.42
CA ILE A 54 11.95 6.55 21.50
C ILE A 54 10.82 7.55 21.24
N LYS A 55 10.92 8.73 21.86
CA LYS A 55 9.93 9.76 21.68
C LYS A 55 10.29 10.62 20.47
N VAL A 56 9.28 10.88 19.64
CA VAL A 56 9.43 11.72 18.46
C VAL A 56 8.33 12.78 18.36
N ARG A 57 8.49 13.68 17.41
CA ARG A 57 7.49 14.68 17.10
C ARG A 57 6.93 14.36 15.74
N GLN A 58 5.61 14.24 15.67
CA GLN A 58 4.94 13.94 14.41
C GLN A 58 4.45 15.21 13.71
N TYR A 59 4.96 15.43 12.52
CA TYR A 59 4.44 16.51 11.66
C TYR A 59 3.62 15.91 10.52
N ASP A 60 2.68 16.67 9.98
CA ASP A 60 1.81 16.19 8.90
C ASP A 60 1.96 17.04 7.64
N GLN A 61 1.61 16.46 6.49
CA GLN A 61 1.59 17.20 5.25
C GLN A 61 2.95 17.79 4.86
N ILE A 62 4.01 17.00 4.95
CA ILE A 62 5.33 17.55 4.72
C ILE A 62 5.75 17.03 3.34
N PRO A 63 6.04 17.94 2.40
CA PRO A 63 6.54 17.47 1.11
C PRO A 63 8.00 17.00 1.19
N ILE A 64 8.31 15.91 0.48
CA ILE A 64 9.65 15.35 0.52
C ILE A 64 9.86 14.67 -0.83
N GLU A 65 11.05 14.87 -1.38
CA GLU A 65 11.43 14.25 -2.66
C GLU A 65 12.42 13.14 -2.37
N ILE A 66 12.11 11.94 -2.84
CA ILE A 66 12.95 10.77 -2.63
C ILE A 66 13.37 10.19 -3.97
N CYS A 67 14.66 10.30 -4.28
CA CYS A 67 15.19 9.80 -5.54
C CYS A 67 14.32 10.27 -6.70
N GLY A 68 14.03 11.56 -6.74
CA GLY A 68 13.27 12.11 -7.86
C GLY A 68 11.76 12.01 -7.79
N HIS A 69 11.23 11.25 -6.83
CA HIS A 69 9.77 11.13 -6.68
C HIS A 69 9.24 12.07 -5.60
N LYS A 70 8.13 12.73 -5.90
CA LYS A 70 7.47 13.61 -4.95
C LYS A 70 6.52 12.82 -4.05
N ALA A 71 6.64 13.06 -2.75
CA ALA A 71 5.69 12.61 -1.76
C ALA A 71 5.29 13.76 -0.84
N ILE A 72 4.22 13.50 -0.09
CA ILE A 72 3.69 14.40 0.91
C ILE A 72 3.11 13.51 1.99
N GLY A 73 3.62 13.61 3.20
CA GLY A 73 2.91 12.96 4.27
C GLY A 73 3.47 13.25 5.63
N THR A 74 3.23 12.28 6.50
CA THR A 74 3.59 12.37 7.90
C THR A 74 5.07 12.11 8.05
N VAL A 75 5.78 13.01 8.74
CA VAL A 75 7.18 12.76 9.00
C VAL A 75 7.36 12.82 10.50
N LEU A 76 8.10 11.86 11.05
CA LEU A 76 8.40 11.87 12.46
C LEU A 76 9.82 12.35 12.57
N VAL A 77 10.11 13.06 13.65
CA VAL A 77 11.42 13.64 13.80
C VAL A 77 11.86 13.29 15.20
N GLY A 78 13.04 12.72 15.33
CA GLY A 78 13.53 12.28 16.64
C GLY A 78 14.92 11.71 16.61
N PRO A 79 15.36 11.12 17.74
CA PRO A 79 16.74 10.64 17.85
C PRO A 79 16.88 9.22 17.29
N THR A 80 16.46 9.06 16.04
CA THR A 80 16.78 7.88 15.27
C THR A 80 18.27 7.87 14.94
N PRO A 81 18.91 6.70 14.94
CA PRO A 81 20.33 6.62 14.60
C PRO A 81 20.65 6.89 13.13
N VAL A 82 19.62 6.84 12.28
CA VAL A 82 19.76 6.93 10.84
C VAL A 82 18.42 7.45 10.29
N ASN A 83 18.45 8.26 9.23
CA ASN A 83 17.20 8.70 8.61
C ASN A 83 16.54 7.52 7.92
N ILE A 84 15.24 7.34 8.13
CA ILE A 84 14.52 6.15 7.74
C ILE A 84 13.26 6.50 6.93
N ILE A 85 13.19 6.02 5.70
CA ILE A 85 11.96 6.10 4.91
C ILE A 85 11.19 4.82 5.15
N GLY A 86 9.98 4.95 5.72
CA GLY A 86 9.17 3.80 5.98
C GLY A 86 8.06 3.58 4.97
N ARG A 87 7.21 2.61 5.24
CA ARG A 87 6.25 2.18 4.23
C ARG A 87 5.27 3.26 3.80
N ASP A 88 4.89 4.15 4.70
CA ASP A 88 4.04 5.31 4.38
C ASP A 88 4.49 6.08 3.13
N LEU A 89 5.80 6.30 3.03
CA LEU A 89 6.32 7.04 1.93
C LEU A 89 6.80 6.10 0.84
N LEU A 90 7.24 4.90 1.18
CA LEU A 90 7.67 3.95 0.14
C LEU A 90 6.48 3.62 -0.76
N THR A 91 5.30 3.48 -0.17
CA THR A 91 4.11 3.31 -1.01
C THR A 91 3.84 4.47 -1.98
N GLN A 92 4.00 5.70 -1.52
CA GLN A 92 3.74 6.88 -2.32
C GLN A 92 4.68 6.94 -3.52
N ILE A 93 5.90 6.48 -3.35
CA ILE A 93 6.83 6.47 -4.50
C ILE A 93 6.75 5.18 -5.35
N GLY A 94 5.85 4.28 -5.00
CA GLY A 94 5.43 3.18 -5.87
C GLY A 94 6.24 1.92 -5.65
N CYS A 95 6.88 1.83 -4.47
CA CYS A 95 7.84 0.78 -4.16
C CYS A 95 7.17 -0.55 -3.90
N THR A 96 7.68 -1.62 -4.51
CA THR A 96 7.28 -3.01 -4.20
C THR A 96 8.53 -3.83 -3.88
N LEU A 97 8.39 -4.92 -3.14
CA LEU A 97 9.46 -5.89 -3.02
C LEU A 97 9.25 -6.94 -4.11
N ASN A 98 10.30 -7.33 -4.81
CA ASN A 98 10.16 -8.33 -5.87
C ASN A 98 11.17 -9.47 -5.76
N PHE A 99 10.67 -10.71 -5.81
CA PHE A 99 11.53 -11.87 -5.96
C PHE A 99 10.80 -13.02 -6.65
N PRO B 1 6.97 -13.38 -6.16
CA PRO B 1 5.88 -12.41 -6.30
C PRO B 1 6.38 -10.97 -6.30
N GLN B 2 5.49 -10.04 -6.61
CA GLN B 2 5.66 -8.62 -6.30
C GLN B 2 4.74 -8.28 -5.13
N ILE B 3 5.29 -7.63 -4.12
CA ILE B 3 4.65 -7.46 -2.84
C ILE B 3 4.47 -5.96 -2.62
N THR B 4 3.22 -5.53 -2.50
CA THR B 4 2.85 -4.18 -2.06
C THR B 4 3.41 -3.85 -0.65
N LEU B 5 3.54 -2.57 -0.33
CA LEU B 5 3.97 -2.15 1.01
C LEU B 5 2.86 -1.37 1.72
N TRP B 6 1.63 -1.49 1.24
CA TRP B 6 0.47 -0.92 1.94
C TRP B 6 0.22 -1.60 3.27
N LYS B 7 0.64 -2.85 3.40
CA LYS B 7 0.64 -3.54 4.67
C LYS B 7 2.07 -4.06 4.92
N ARG B 8 2.36 -4.42 6.16
CA ARG B 8 3.67 -5.02 6.48
C ARG B 8 3.94 -6.23 5.59
N PRO B 9 5.16 -6.36 5.08
CA PRO B 9 5.46 -7.50 4.22
C PRO B 9 5.87 -8.77 4.96
N LEU B 10 4.86 -9.48 5.46
CA LEU B 10 5.03 -10.63 6.32
C LEU B 10 4.95 -11.86 5.44
N VAL B 11 5.87 -12.77 5.68
CA VAL B 11 5.89 -14.03 4.95
C VAL B 11 6.02 -15.16 5.93
N THR B 12 5.65 -16.38 5.52
CA THR B 12 5.92 -17.56 6.32
C THR B 12 7.32 -18.12 6.01
N ILE B 13 8.07 -18.37 7.07
CA ILE B 13 9.38 -18.99 6.93
C ILE B 13 9.37 -20.33 7.67
N ARG B 14 10.29 -21.20 7.28
CA ARG B 14 10.44 -22.50 7.92
C ARG B 14 11.90 -22.69 8.34
N ILE B 15 12.11 -22.99 9.60
CA ILE B 15 13.46 -23.18 10.13
C ILE B 15 13.42 -24.32 11.14
N GLY B 16 14.27 -25.32 10.91
CA GLY B 16 14.34 -26.50 11.77
C GLY B 16 13.04 -27.26 11.87
N GLY B 17 12.26 -27.22 10.80
CA GLY B 17 10.94 -27.83 10.79
C GLY B 17 9.82 -27.02 11.39
N GLN B 18 10.12 -25.84 11.95
CA GLN B 18 9.07 -24.94 12.46
C GLN B 18 8.63 -23.85 11.48
N LEU B 19 7.35 -23.51 11.54
CA LEU B 19 6.77 -22.39 10.81
C LEU B 19 6.73 -21.15 11.68
N LYS B 20 7.22 -20.05 11.12
CA LYS B 20 7.14 -18.78 11.80
C LYS B 20 6.74 -17.71 10.81
N GLU B 21 6.30 -16.57 11.33
CA GLU B 21 5.97 -15.42 10.49
C GLU B 21 7.13 -14.45 10.58
N ALA B 22 7.57 -13.91 9.45
CA ALA B 22 8.70 -13.00 9.47
C ALA B 22 8.47 -11.83 8.53
N LEU B 23 9.17 -10.74 8.82
CA LEU B 23 8.97 -9.49 8.09
C LEU B 23 10.16 -9.31 7.14
N LEU B 24 9.87 -9.09 5.87
CA LEU B 24 10.93 -8.81 4.89
C LEU B 24 11.43 -7.36 5.08
N ASN B 25 12.69 -7.20 5.46
CA ASN B 25 13.16 -5.95 6.03
C ASN B 25 14.46 -5.44 5.42
N THR B 26 14.30 -4.52 4.46
CA THR B 26 15.41 -3.89 3.76
C THR B 26 16.24 -2.96 4.69
N GLY B 27 15.67 -2.63 5.85
CA GLY B 27 16.34 -1.76 6.83
C GLY B 27 17.10 -2.53 7.89
N ALA B 28 17.23 -3.86 7.72
CA ALA B 28 17.99 -4.71 8.62
C ALA B 28 19.16 -5.35 7.87
N ASP B 29 20.35 -5.18 8.40
CA ASP B 29 21.53 -5.79 7.79
C ASP B 29 21.46 -7.33 7.87
N ASN B 30 20.85 -7.85 8.94
CA ASN B 30 20.89 -9.29 9.25
C ASN B 30 19.52 -9.86 9.48
N THR B 31 19.44 -11.17 9.59
CA THR B 31 18.19 -11.87 9.86
C THR B 31 18.21 -12.14 11.37
N VAL B 32 17.16 -11.73 12.05
CA VAL B 32 17.04 -11.78 13.49
C VAL B 32 15.74 -12.47 13.88
N LEU B 33 15.85 -13.56 14.63
CA LEU B 33 14.68 -14.36 14.98
C LEU B 33 14.46 -14.30 16.48
N GLU B 34 13.19 -14.42 16.85
CA GLU B 34 12.78 -14.40 18.24
C GLU B 34 13.44 -15.55 18.98
N GLU B 35 13.61 -15.38 20.28
CA GLU B 35 14.26 -16.42 21.08
C GLU B 35 13.76 -17.84 20.75
N MET B 36 14.71 -18.73 20.48
CA MET B 36 14.40 -20.09 20.05
C MET B 36 15.68 -20.89 20.17
N ASN B 37 15.54 -22.21 20.16
CA ASN B 37 16.73 -23.06 20.27
C ASN B 37 17.16 -23.54 18.89
N LEU B 38 18.44 -23.32 18.59
CA LEU B 38 19.04 -23.83 17.37
C LEU B 38 20.21 -24.68 17.82
N PRO B 39 20.52 -25.75 17.06
CA PRO B 39 21.71 -26.56 17.32
C PRO B 39 22.99 -25.87 16.88
N GLY B 40 24.10 -26.26 17.49
CA GLY B 40 25.41 -25.92 16.94
C GLY B 40 26.12 -24.81 17.67
N LYS B 41 27.21 -24.36 17.06
CA LYS B 41 28.06 -23.38 17.70
C LYS B 41 27.50 -21.99 17.43
N TRP B 42 27.73 -21.11 18.39
CA TRP B 42 27.27 -19.74 18.26
C TRP B 42 28.24 -18.81 18.97
N LYS B 43 28.07 -17.52 18.69
CA LYS B 43 28.86 -16.45 19.28
C LYS B 43 27.88 -15.36 19.69
N PRO B 44 28.11 -14.74 20.86
CA PRO B 44 27.25 -13.64 21.27
C PRO B 44 27.58 -12.35 20.51
N LYS B 45 26.58 -11.55 20.18
CA LYS B 45 26.78 -10.28 19.51
C LYS B 45 25.77 -9.28 20.06
N MET B 46 26.10 -7.99 19.90
CA MET B 46 25.20 -6.89 20.21
C MET B 46 24.69 -6.28 18.91
N ILE B 47 23.38 -6.11 18.76
CA ILE B 47 22.93 -5.38 17.58
C ILE B 47 22.18 -4.12 17.96
N GLY B 48 22.13 -3.16 17.05
CA GLY B 48 21.45 -1.92 17.34
C GLY B 48 20.14 -1.84 16.57
N GLY B 49 19.20 -1.09 17.16
CA GLY B 49 17.91 -0.84 16.54
C GLY B 49 17.51 0.61 16.73
N ILE B 50 16.25 0.89 16.48
CA ILE B 50 15.69 2.21 16.67
C ILE B 50 15.78 2.68 18.11
N GLY B 51 15.63 1.76 19.06
CA GLY B 51 15.55 2.17 20.48
C GLY B 51 16.74 1.86 21.38
N GLY B 52 17.84 1.41 20.82
CA GLY B 52 18.93 0.88 21.61
C GLY B 52 19.50 -0.41 21.06
N PHE B 53 20.11 -1.17 21.95
CA PHE B 53 20.87 -2.34 21.57
C PHE B 53 20.26 -3.55 22.24
N ILE B 54 20.33 -4.71 21.57
CA ILE B 54 20.06 -5.98 22.21
C ILE B 54 21.16 -6.98 22.01
N LYS B 55 21.18 -7.94 22.92
CA LYS B 55 22.06 -9.12 22.86
C LYS B 55 21.40 -10.22 22.03
N VAL B 56 22.19 -10.82 21.14
CA VAL B 56 21.77 -11.94 20.31
C VAL B 56 22.83 -13.04 20.30
N ARG B 57 22.42 -14.23 19.90
CA ARG B 57 23.31 -15.33 19.58
C ARG B 57 23.43 -15.47 18.06
N GLN B 58 24.66 -15.45 17.54
CA GLN B 58 24.90 -15.64 16.11
C GLN B 58 25.17 -17.11 15.72
N TYR B 59 24.32 -17.69 14.89
CA TYR B 59 24.54 -19.02 14.37
C TYR B 59 24.82 -18.92 12.87
N ASP B 60 25.76 -19.70 12.35
CA ASP B 60 26.15 -19.59 10.94
C ASP B 60 25.60 -20.75 10.09
N GLN B 61 25.49 -20.54 8.78
CA GLN B 61 25.19 -21.61 7.83
C GLN B 61 23.97 -22.43 8.25
N ILE B 62 22.91 -21.70 8.61
CA ILE B 62 21.66 -22.29 9.05
C ILE B 62 20.71 -22.30 7.87
N PRO B 63 20.13 -23.47 7.55
CA PRO B 63 19.14 -23.52 6.47
C PRO B 63 17.81 -22.86 6.84
N ILE B 64 17.23 -22.09 5.93
CA ILE B 64 15.91 -21.53 6.17
C ILE B 64 15.13 -21.46 4.85
N GLU B 65 13.83 -21.74 4.89
CA GLU B 65 13.01 -21.59 3.68
C GLU B 65 12.15 -20.35 3.85
N ILE B 66 12.20 -19.46 2.88
CA ILE B 66 11.55 -18.15 3.01
C ILE B 66 10.55 -18.03 1.86
N CYS B 67 9.25 -18.08 2.17
CA CYS B 67 8.23 -17.96 1.14
C CYS B 67 8.62 -18.72 -0.14
N GLY B 68 9.08 -19.96 0.04
CA GLY B 68 9.37 -20.85 -1.10
C GLY B 68 10.84 -21.07 -1.43
N HIS B 69 11.70 -20.17 -0.97
CA HIS B 69 13.08 -20.15 -1.46
C HIS B 69 14.01 -20.64 -0.36
N LYS B 70 14.79 -21.66 -0.67
CA LYS B 70 15.85 -22.15 0.20
C LYS B 70 16.95 -21.11 0.36
N ALA B 71 17.35 -20.88 1.60
CA ALA B 71 18.52 -20.08 1.86
C ALA B 71 19.31 -20.78 2.97
N ILE B 72 20.59 -20.49 3.02
CA ILE B 72 21.45 -21.04 4.06
C ILE B 72 22.37 -19.89 4.42
N GLY B 73 22.35 -19.46 5.67
CA GLY B 73 23.19 -18.34 6.03
C GLY B 73 23.03 -18.04 7.49
N THR B 74 23.47 -16.85 7.89
CA THR B 74 23.56 -16.51 9.31
C THR B 74 22.23 -16.04 9.86
N VAL B 75 21.96 -16.47 11.09
CA VAL B 75 20.74 -16.14 11.82
C VAL B 75 21.18 -15.64 13.19
N LEU B 76 20.67 -14.50 13.58
CA LEU B 76 20.82 -13.97 14.94
C LEU B 76 19.52 -14.29 15.69
N VAL B 77 19.65 -14.71 16.94
CA VAL B 77 18.50 -15.07 17.76
C VAL B 77 18.55 -14.27 19.04
N GLY B 78 17.44 -13.63 19.42
CA GLY B 78 17.41 -12.77 20.58
C GLY B 78 16.06 -12.13 20.72
N PRO B 79 15.96 -11.12 21.59
CA PRO B 79 14.61 -10.55 21.88
C PRO B 79 14.14 -9.48 20.87
N THR B 80 14.11 -9.83 19.59
CA THR B 80 13.46 -8.96 18.61
C THR B 80 11.93 -8.97 18.76
N PRO B 81 11.29 -7.81 18.57
CA PRO B 81 9.83 -7.85 18.65
C PRO B 81 9.12 -8.66 17.57
N VAL B 82 9.75 -8.84 16.42
CA VAL B 82 9.15 -9.60 15.30
C VAL B 82 10.33 -10.30 14.64
N ASN B 83 10.06 -11.45 14.06
CA ASN B 83 11.04 -12.09 13.18
C ASN B 83 11.32 -11.25 11.94
N ILE B 84 12.61 -11.02 11.69
CA ILE B 84 13.08 -10.15 10.65
C ILE B 84 14.01 -10.89 9.66
N ILE B 85 13.61 -10.91 8.39
CA ILE B 85 14.51 -11.29 7.29
C ILE B 85 15.24 -10.04 6.78
N GLY B 86 16.56 -10.02 6.98
CA GLY B 86 17.34 -8.89 6.57
C GLY B 86 18.04 -9.07 5.25
N ARG B 87 18.87 -8.10 4.90
CA ARG B 87 19.44 -8.05 3.56
C ARG B 87 20.29 -9.26 3.22
N ASP B 88 21.01 -9.80 4.18
CA ASP B 88 21.83 -11.00 3.91
C ASP B 88 21.01 -12.11 3.27
N LEU B 89 19.81 -12.35 3.77
CA LEU B 89 18.99 -13.40 3.19
C LEU B 89 18.11 -12.93 2.06
N LEU B 90 17.70 -11.66 2.09
CA LEU B 90 16.90 -11.20 0.98
C LEU B 90 17.67 -11.33 -0.33
N THR B 91 18.96 -11.00 -0.30
CA THR B 91 19.79 -11.10 -1.51
C THR B 91 19.92 -12.55 -1.95
N GLN B 92 19.99 -13.48 -1.00
CA GLN B 92 20.06 -14.89 -1.36
C GLN B 92 18.83 -15.37 -2.11
N ILE B 93 17.65 -14.82 -1.81
CA ILE B 93 16.46 -15.28 -2.52
C ILE B 93 16.06 -14.43 -3.71
N GLY B 94 16.88 -13.45 -4.03
CA GLY B 94 16.68 -12.66 -5.25
C GLY B 94 15.76 -11.46 -5.13
N CYS B 95 15.58 -10.98 -3.91
CA CYS B 95 14.61 -9.91 -3.62
C CYS B 95 15.23 -8.54 -3.91
N THR B 96 14.51 -7.71 -4.65
CA THR B 96 14.89 -6.34 -4.92
C THR B 96 13.80 -5.38 -4.51
N LEU B 97 14.18 -4.12 -4.31
CA LEU B 97 13.17 -3.08 -4.09
C LEU B 97 13.03 -2.30 -5.40
N ASN B 98 11.78 -2.13 -5.85
CA ASN B 98 11.52 -1.60 -7.18
C ASN B 98 10.49 -0.44 -7.14
N PHE B 99 10.83 0.71 -7.70
CA PHE B 99 9.86 1.81 -7.84
C PHE B 99 10.10 2.66 -9.09
N PRO C 1 -31.46 7.02 -11.32
CA PRO C 1 -31.71 5.74 -11.97
C PRO C 1 -31.19 4.52 -11.19
N GLN C 2 -31.51 3.33 -11.67
CA GLN C 2 -30.77 2.13 -11.31
C GLN C 2 -29.85 1.77 -12.47
N ILE C 3 -28.54 2.02 -12.30
CA ILE C 3 -27.56 1.88 -13.37
C ILE C 3 -26.89 0.50 -13.30
N THR C 4 -26.77 -0.15 -14.45
CA THR C 4 -26.19 -1.49 -14.48
C THR C 4 -24.68 -1.37 -14.64
N LEU C 5 -24.00 -2.42 -14.20
CA LEU C 5 -22.54 -2.41 -14.17
C LEU C 5 -22.04 -3.32 -15.27
N TRP C 6 -23.00 -3.72 -16.11
CA TRP C 6 -22.71 -4.54 -17.27
C TRP C 6 -21.72 -3.77 -18.16
N LYS C 7 -21.71 -2.44 -18.07
CA LYS C 7 -20.64 -1.66 -18.69
C LYS C 7 -20.21 -0.51 -17.75
N ARG C 8 -19.21 0.28 -18.12
CA ARG C 8 -18.67 1.35 -17.25
C ARG C 8 -19.64 2.50 -17.02
N PRO C 9 -19.95 2.79 -15.74
CA PRO C 9 -21.00 3.77 -15.43
C PRO C 9 -20.53 5.20 -15.66
N LEU C 10 -20.59 5.67 -16.91
CA LEU C 10 -20.14 7.01 -17.27
C LEU C 10 -21.34 7.95 -17.23
N VAL C 11 -21.11 9.19 -16.78
CA VAL C 11 -22.17 10.19 -16.65
C VAL C 11 -21.58 11.51 -17.10
N THR C 12 -22.47 12.48 -17.37
CA THR C 12 -22.05 13.81 -17.69
C THR C 12 -21.92 14.58 -16.40
N ILE C 13 -20.84 15.36 -16.28
CA ILE C 13 -20.74 16.34 -15.20
C ILE C 13 -20.50 17.73 -15.72
N ARG C 14 -20.99 18.72 -14.98
CA ARG C 14 -20.81 20.11 -15.33
C ARG C 14 -20.15 20.84 -14.17
N ILE C 15 -18.99 21.41 -14.46
CA ILE C 15 -18.19 22.09 -13.46
C ILE C 15 -17.67 23.37 -14.09
N GLY C 16 -18.03 24.49 -13.47
CA GLY C 16 -17.66 25.80 -14.00
C GLY C 16 -18.12 25.96 -15.44
N GLY C 17 -19.32 25.47 -15.74
CA GLY C 17 -19.86 25.60 -17.09
C GLY C 17 -19.31 24.60 -18.10
N GLN C 18 -18.32 23.80 -17.71
CA GLN C 18 -17.62 22.92 -18.66
C GLN C 18 -18.29 21.56 -18.57
N LEU C 19 -18.59 20.90 -19.69
CA LEU C 19 -19.12 19.53 -19.60
C LEU C 19 -18.00 18.49 -19.72
N LYS C 20 -18.09 17.46 -18.87
CA LYS C 20 -17.15 16.37 -18.94
C LYS C 20 -17.86 15.04 -18.77
N GLU C 21 -17.19 13.98 -19.23
CA GLU C 21 -17.59 12.61 -19.00
C GLU C 21 -16.87 12.16 -17.72
N ALA C 22 -17.58 11.53 -16.80
CA ALA C 22 -16.95 11.06 -15.56
C ALA C 22 -17.46 9.69 -15.21
N LEU C 23 -16.61 8.94 -14.50
CA LEU C 23 -16.97 7.59 -14.10
C LEU C 23 -17.47 7.53 -12.66
N LEU C 24 -18.61 6.89 -12.45
CA LEU C 24 -19.14 6.72 -11.08
C LEU C 24 -18.42 5.60 -10.31
N ASN C 25 -17.59 6.01 -9.33
CA ASN C 25 -16.56 5.11 -8.83
C ASN C 25 -16.68 4.87 -7.31
N THR C 26 -17.30 3.75 -6.92
CA THR C 26 -17.47 3.44 -5.50
C THR C 26 -16.15 3.07 -4.86
N GLY C 27 -15.16 2.78 -5.69
CA GLY C 27 -13.83 2.44 -5.19
C GLY C 27 -12.92 3.62 -4.96
N ALA C 28 -13.46 4.84 -5.10
CA ALA C 28 -12.72 6.07 -4.90
C ALA C 28 -13.31 6.86 -3.73
N ASP C 29 -12.44 7.26 -2.81
CA ASP C 29 -12.92 8.03 -1.66
C ASP C 29 -13.34 9.44 -2.08
N ASN C 30 -12.65 10.01 -3.08
CA ASN C 30 -12.71 11.44 -3.42
C ASN C 30 -12.99 11.58 -4.91
N THR C 31 -13.40 12.76 -5.36
CA THR C 31 -13.65 13.02 -6.76
C THR C 31 -12.36 13.65 -7.31
N VAL C 32 -11.87 13.06 -8.38
CA VAL C 32 -10.62 13.43 -9.00
C VAL C 32 -10.87 13.71 -10.49
N LEU C 33 -10.60 14.94 -10.90
CA LEU C 33 -10.77 15.37 -12.31
C LEU C 33 -9.47 15.55 -13.07
N GLU C 34 -9.55 15.38 -14.38
CA GLU C 34 -8.38 15.64 -15.24
C GLU C 34 -7.96 17.10 -15.19
N GLU C 35 -6.69 17.36 -15.48
CA GLU C 35 -6.13 18.70 -15.46
C GLU C 35 -7.11 19.74 -16.02
N MET C 36 -7.37 20.74 -15.21
CA MET C 36 -8.20 21.87 -15.60
C MET C 36 -7.90 23.03 -14.64
N ASN C 37 -8.23 24.26 -15.05
CA ASN C 37 -8.06 25.37 -14.13
C ASN C 37 -9.32 25.51 -13.32
N LEU C 38 -9.19 25.73 -12.02
CA LEU C 38 -10.36 26.11 -11.22
C LEU C 38 -9.98 27.35 -10.45
N PRO C 39 -10.98 28.16 -10.08
CA PRO C 39 -10.73 29.29 -9.20
C PRO C 39 -10.51 28.85 -7.76
N GLY C 40 -9.78 29.66 -7.01
CA GLY C 40 -9.73 29.47 -5.57
C GLY C 40 -8.36 28.98 -5.22
N LYS C 41 -8.10 28.97 -3.91
CA LYS C 41 -6.81 28.53 -3.42
C LYS C 41 -6.89 27.01 -3.58
N TRP C 42 -5.73 26.39 -3.72
CA TRP C 42 -5.68 24.95 -3.59
C TRP C 42 -4.53 24.54 -2.69
N LYS C 43 -4.64 23.32 -2.17
CA LYS C 43 -3.55 22.69 -1.44
C LYS C 43 -3.09 21.45 -2.21
N PRO C 44 -1.77 21.20 -2.24
CA PRO C 44 -1.25 19.96 -2.82
C PRO C 44 -1.62 18.74 -1.96
N LYS C 45 -2.03 17.65 -2.61
CA LYS C 45 -2.28 16.38 -1.91
C LYS C 45 -1.72 15.23 -2.73
N MET C 46 -1.54 14.07 -2.10
CA MET C 46 -1.15 12.84 -2.79
C MET C 46 -2.28 11.84 -2.66
N ILE C 47 -2.62 11.19 -3.77
CA ILE C 47 -3.64 10.15 -3.70
C ILE C 47 -3.13 8.86 -4.33
N GLY C 48 -3.55 7.75 -3.75
CA GLY C 48 -2.99 6.44 -4.10
C GLY C 48 -3.97 5.60 -4.89
N GLY C 49 -3.47 4.97 -5.96
CA GLY C 49 -4.26 4.10 -6.84
C GLY C 49 -3.75 2.67 -6.92
N ILE C 50 -4.12 1.95 -7.97
CA ILE C 50 -3.70 0.56 -8.07
C ILE C 50 -2.23 0.45 -8.47
N GLY C 51 -1.73 1.45 -9.18
CA GLY C 51 -0.37 1.38 -9.75
C GLY C 51 0.68 2.31 -9.17
N GLY C 52 0.38 2.92 -8.03
CA GLY C 52 1.14 4.05 -7.49
C GLY C 52 0.31 5.28 -7.13
N PHE C 53 0.98 6.42 -6.95
CA PHE C 53 0.33 7.62 -6.43
C PHE C 53 0.52 8.73 -7.43
N ILE C 54 -0.39 9.71 -7.35
CA ILE C 54 -0.28 10.93 -8.13
C ILE C 54 -0.45 12.12 -7.21
N LYS C 55 0.24 13.20 -7.56
CA LYS C 55 0.08 14.49 -6.91
C LYS C 55 -1.07 15.27 -7.55
N VAL C 56 -1.92 15.83 -6.68
CA VAL C 56 -3.12 16.55 -7.14
C VAL C 56 -3.28 17.87 -6.41
N ARG C 57 -4.07 18.76 -7.02
CA ARG C 57 -4.46 20.00 -6.36
C ARG C 57 -5.85 19.87 -5.81
N GLN C 58 -6.01 20.19 -4.55
CA GLN C 58 -7.28 20.12 -3.88
C GLN C 58 -7.95 21.49 -3.84
N TYR C 59 -9.14 21.57 -4.43
CA TYR C 59 -9.97 22.78 -4.39
C TYR C 59 -11.18 22.58 -3.49
N ASP C 60 -11.51 23.56 -2.67
CA ASP C 60 -12.68 23.46 -1.80
C ASP C 60 -13.94 24.08 -2.37
N GLN C 61 -15.07 23.56 -1.92
CA GLN C 61 -16.36 24.17 -2.20
C GLN C 61 -16.56 24.48 -3.67
N ILE C 62 -16.35 23.47 -4.52
CA ILE C 62 -16.60 23.64 -5.95
C ILE C 62 -17.93 23.01 -6.34
N PRO C 63 -18.84 23.82 -6.90
CA PRO C 63 -20.12 23.26 -7.36
C PRO C 63 -19.95 22.37 -8.59
N ILE C 64 -20.58 21.20 -8.55
CA ILE C 64 -20.64 20.30 -9.70
C ILE C 64 -22.07 19.80 -9.84
N GLU C 65 -22.53 19.73 -11.08
CA GLU C 65 -23.80 19.09 -11.37
C GLU C 65 -23.50 17.71 -11.96
N ILE C 66 -24.07 16.67 -11.36
CA ILE C 66 -23.79 15.29 -11.76
C ILE C 66 -25.12 14.67 -12.18
N CYS C 67 -25.24 14.27 -13.44
CA CYS C 67 -26.56 13.92 -13.98
C CYS C 67 -27.64 14.94 -13.58
N GLY C 68 -27.30 16.22 -13.66
CA GLY C 68 -28.16 17.26 -13.10
C GLY C 68 -28.67 17.13 -11.67
N HIS C 69 -27.95 16.44 -10.79
CA HIS C 69 -28.08 16.66 -9.33
C HIS C 69 -27.02 17.66 -8.92
N LYS C 70 -27.37 18.60 -8.05
CA LYS C 70 -26.44 19.64 -7.59
C LYS C 70 -25.53 19.08 -6.52
N ALA C 71 -24.23 19.35 -6.63
CA ALA C 71 -23.31 19.05 -5.56
C ALA C 71 -22.34 20.18 -5.40
N ILE C 72 -21.78 20.27 -4.20
CA ILE C 72 -20.69 21.19 -3.91
C ILE C 72 -19.73 20.43 -3.04
N GLY C 73 -18.50 20.34 -3.50
CA GLY C 73 -17.58 19.42 -2.87
C GLY C 73 -16.14 19.80 -3.07
N THR C 74 -15.31 19.16 -2.29
CA THR C 74 -13.90 19.09 -2.59
C THR C 74 -13.63 18.30 -3.87
N VAL C 75 -12.86 18.93 -4.74
CA VAL C 75 -12.46 18.33 -6.00
C VAL C 75 -10.93 18.31 -6.06
N LEU C 76 -10.37 17.16 -6.43
CA LEU C 76 -8.94 17.02 -6.67
C LEU C 76 -8.74 17.13 -8.17
N VAL C 77 -7.65 17.76 -8.55
CA VAL C 77 -7.35 17.97 -9.94
C VAL C 77 -5.94 17.50 -10.17
N GLY C 78 -5.77 16.61 -11.14
CA GLY C 78 -4.44 16.09 -11.50
C GLY C 78 -4.45 15.04 -12.59
N PRO C 79 -3.32 14.33 -12.74
CA PRO C 79 -3.12 13.40 -13.84
C PRO C 79 -3.84 12.06 -13.67
N THR C 80 -5.15 12.13 -13.43
CA THR C 80 -5.96 10.95 -13.45
C THR C 80 -6.19 10.55 -14.90
N PRO C 81 -6.25 9.25 -15.15
CA PRO C 81 -6.58 8.71 -16.47
C PRO C 81 -7.97 9.08 -16.97
N VAL C 82 -8.94 9.15 -16.05
CA VAL C 82 -10.34 9.44 -16.37
C VAL C 82 -10.92 10.27 -15.24
N ASN C 83 -11.90 11.09 -15.58
CA ASN C 83 -12.58 11.84 -14.52
C ASN C 83 -13.32 10.87 -13.64
N ILE C 84 -13.19 11.06 -12.34
CA ILE C 84 -13.71 10.13 -11.36
C ILE C 84 -14.58 10.80 -10.30
N ILE C 85 -15.79 10.31 -10.21
CA ILE C 85 -16.74 10.74 -9.21
C ILE C 85 -16.70 9.72 -8.06
N GLY C 86 -16.12 10.13 -6.96
CA GLY C 86 -15.93 9.23 -5.86
C GLY C 86 -17.03 9.37 -4.82
N ARG C 87 -16.83 8.67 -3.73
CA ARG C 87 -17.91 8.50 -2.75
C ARG C 87 -18.38 9.79 -2.11
N ASP C 88 -17.46 10.74 -1.92
CA ASP C 88 -17.75 12.09 -1.43
C ASP C 88 -18.88 12.77 -2.18
N LEU C 89 -18.94 12.62 -3.50
CA LEU C 89 -20.04 13.21 -4.25
C LEU C 89 -21.14 12.23 -4.56
N LEU C 90 -20.82 10.93 -4.66
CA LEU C 90 -21.84 9.91 -4.80
C LEU C 90 -22.81 10.00 -3.61
N THR C 91 -22.28 10.19 -2.41
CA THR C 91 -23.16 10.27 -1.24
C THR C 91 -24.05 11.50 -1.30
N GLN C 92 -23.58 12.61 -1.87
CA GLN C 92 -24.35 13.85 -1.97
C GLN C 92 -25.55 13.73 -2.91
N ILE C 93 -25.41 12.92 -3.96
CA ILE C 93 -26.51 12.64 -4.91
C ILE C 93 -27.37 11.43 -4.57
N GLY C 94 -27.11 10.84 -3.42
CA GLY C 94 -27.94 9.80 -2.83
C GLY C 94 -27.64 8.40 -3.33
N CYS C 95 -26.41 8.17 -3.80
CA CYS C 95 -26.08 6.88 -4.44
C CYS C 95 -25.90 5.75 -3.43
N THR C 96 -26.51 4.60 -3.71
CA THR C 96 -26.22 3.35 -3.03
C THR C 96 -25.93 2.22 -4.02
N LEU C 97 -25.29 1.18 -3.50
CA LEU C 97 -25.13 -0.08 -4.19
C LEU C 97 -26.22 -1.05 -3.70
N ASN C 98 -26.95 -1.61 -4.65
CA ASN C 98 -28.06 -2.48 -4.34
C ASN C 98 -27.83 -3.86 -4.93
N PHE C 99 -27.75 -4.86 -4.06
CA PHE C 99 -27.88 -6.25 -4.50
C PHE C 99 -28.82 -7.01 -3.57
N PRO D 1 -28.82 -6.11 -0.55
CA PRO D 1 -28.85 -4.93 0.30
C PRO D 1 -28.67 -3.61 -0.48
N GLN D 2 -29.30 -2.54 -0.01
CA GLN D 2 -28.92 -1.19 -0.41
C GLN D 2 -27.77 -0.73 0.49
N ILE D 3 -26.64 -0.40 -0.13
CA ILE D 3 -25.40 -0.13 0.60
C ILE D 3 -25.07 1.36 0.53
N THR D 4 -24.83 1.97 1.69
CA THR D 4 -24.43 3.37 1.79
C THR D 4 -23.02 3.52 1.23
N LEU D 5 -22.64 4.74 0.89
CA LEU D 5 -21.29 5.04 0.38
C LEU D 5 -20.60 6.05 1.30
N TRP D 6 -21.21 6.34 2.45
CA TRP D 6 -20.59 7.27 3.39
C TRP D 6 -19.27 6.72 3.91
N LYS D 7 -19.19 5.41 4.04
CA LYS D 7 -17.95 4.71 4.30
C LYS D 7 -17.63 3.82 3.11
N ARG D 8 -16.40 3.36 3.02
CA ARG D 8 -16.03 2.38 1.99
C ARG D 8 -16.91 1.15 2.00
N PRO D 9 -17.38 0.72 0.82
CA PRO D 9 -18.16 -0.50 0.76
C PRO D 9 -17.27 -1.75 0.83
N LEU D 10 -16.82 -2.00 2.06
CA LEU D 10 -15.97 -3.15 2.37
C LEU D 10 -16.84 -4.30 2.82
N VAL D 11 -16.68 -5.47 2.21
CA VAL D 11 -17.43 -6.65 2.61
C VAL D 11 -16.51 -7.85 2.79
N THR D 12 -17.00 -8.91 3.43
CA THR D 12 -16.23 -10.14 3.54
C THR D 12 -16.43 -11.00 2.30
N ILE D 13 -15.32 -11.51 1.74
CA ILE D 13 -15.47 -12.57 0.77
C ILE D 13 -14.79 -13.84 1.25
N ARG D 14 -15.25 -14.93 0.67
CA ARG D 14 -14.69 -16.25 0.93
C ARG D 14 -14.24 -16.85 -0.40
N ILE D 15 -12.97 -17.21 -0.45
CA ILE D 15 -12.44 -17.91 -1.61
C ILE D 15 -11.61 -19.06 -1.04
N GLY D 16 -11.85 -20.25 -1.57
CA GLY D 16 -11.22 -21.48 -1.09
C GLY D 16 -10.94 -21.59 0.41
N GLY D 17 -11.97 -21.34 1.22
CA GLY D 17 -11.84 -21.39 2.67
C GLY D 17 -10.87 -20.37 3.25
N GLN D 18 -10.65 -19.26 2.53
CA GLN D 18 -9.97 -18.09 3.10
C GLN D 18 -10.97 -16.96 3.20
N LEU D 19 -11.04 -16.33 4.36
CA LEU D 19 -11.88 -15.15 4.55
C LEU D 19 -11.07 -13.90 4.23
N LYS D 20 -11.65 -12.99 3.44
CA LYS D 20 -10.91 -11.76 3.12
C LYS D 20 -11.84 -10.57 3.06
N GLU D 21 -11.27 -9.39 3.30
CA GLU D 21 -12.03 -8.17 3.16
C GLU D 21 -11.79 -7.60 1.76
N ALA D 22 -12.85 -7.15 1.12
CA ALA D 22 -12.83 -6.60 -0.24
C ALA D 22 -13.77 -5.41 -0.45
N LEU D 23 -13.40 -4.61 -1.45
CA LEU D 23 -14.01 -3.32 -1.74
C LEU D 23 -14.89 -3.48 -2.97
N LEU D 24 -16.15 -3.10 -2.84
CA LEU D 24 -17.06 -3.20 -3.97
C LEU D 24 -16.81 -2.01 -4.92
N ASN D 25 -16.26 -2.26 -6.13
CA ASN D 25 -15.65 -1.18 -6.84
C ASN D 25 -16.22 -1.03 -8.26
N THR D 26 -17.18 -0.12 -8.41
CA THR D 26 -17.75 0.20 -9.72
C THR D 26 -16.81 0.85 -10.69
N GLY D 27 -15.66 1.28 -10.17
CA GLY D 27 -14.58 1.81 -10.96
C GLY D 27 -13.53 0.83 -11.46
N ALA D 28 -13.73 -0.45 -11.17
CA ALA D 28 -12.86 -1.52 -11.62
C ALA D 28 -13.57 -2.39 -12.65
N ASP D 29 -12.93 -2.59 -13.80
CA ASP D 29 -13.49 -3.52 -14.79
C ASP D 29 -13.51 -4.94 -14.28
N ASN D 30 -12.46 -5.28 -13.52
CA ASN D 30 -12.17 -6.65 -13.16
C ASN D 30 -11.97 -6.79 -11.65
N THR D 31 -12.05 -8.01 -11.15
CA THR D 31 -11.81 -8.36 -9.78
C THR D 31 -10.33 -8.72 -9.57
N VAL D 32 -9.73 -8.09 -8.56
CA VAL D 32 -8.31 -8.27 -8.30
C VAL D 32 -8.08 -8.50 -6.83
N LEU D 33 -7.34 -9.56 -6.50
CA LEU D 33 -7.13 -9.93 -5.10
C LEU D 33 -5.66 -9.77 -4.77
N GLU D 34 -5.39 -9.42 -3.53
CA GLU D 34 -4.03 -9.33 -3.00
C GLU D 34 -3.33 -10.70 -3.16
N GLU D 35 -2.00 -10.66 -3.28
CA GLU D 35 -1.19 -11.85 -3.43
C GLU D 35 -1.66 -13.06 -2.60
N MET D 36 -1.89 -14.14 -3.32
CA MET D 36 -2.41 -15.37 -2.73
C MET D 36 -2.18 -16.50 -3.73
N ASN D 37 -2.19 -17.74 -3.25
CA ASN D 37 -2.00 -18.85 -4.14
C ASN D 37 -3.34 -19.41 -4.59
N LEU D 38 -3.47 -19.56 -5.90
CA LEU D 38 -4.60 -20.23 -6.47
C LEU D 38 -4.20 -21.39 -7.38
N PRO D 39 -5.01 -22.44 -7.39
CA PRO D 39 -4.60 -23.53 -8.25
C PRO D 39 -5.01 -23.26 -9.71
N GLY D 40 -4.25 -23.84 -10.62
CA GLY D 40 -4.61 -23.84 -12.03
C GLY D 40 -3.61 -23.09 -12.90
N LYS D 41 -3.88 -23.14 -14.19
CA LYS D 41 -3.16 -22.36 -15.17
C LYS D 41 -3.53 -20.90 -14.95
N TRP D 42 -2.55 -20.03 -15.10
CA TRP D 42 -2.81 -18.60 -15.05
C TRP D 42 -2.00 -17.90 -16.12
N LYS D 43 -2.52 -16.78 -16.62
CA LYS D 43 -1.88 -16.00 -17.67
C LYS D 43 -1.51 -14.63 -17.12
N PRO D 44 -0.32 -14.11 -17.48
CA PRO D 44 0.06 -12.77 -17.04
C PRO D 44 -0.76 -11.73 -17.79
N LYS D 45 -1.27 -10.75 -17.06
CA LYS D 45 -1.98 -9.63 -17.66
C LYS D 45 -1.49 -8.35 -16.99
N MET D 46 -1.80 -7.21 -17.60
CA MET D 46 -1.53 -5.91 -16.94
C MET D 46 -2.85 -5.22 -16.61
N ILE D 47 -2.96 -4.65 -15.42
CA ILE D 47 -4.07 -3.77 -15.11
C ILE D 47 -3.62 -2.38 -14.70
N GLY D 48 -4.33 -1.39 -15.20
CA GLY D 48 -3.99 -0.01 -14.95
C GLY D 48 -5.00 0.72 -14.11
N GLY D 49 -4.51 1.75 -13.44
CA GLY D 49 -5.40 2.80 -12.99
C GLY D 49 -4.61 4.05 -12.68
N ILE D 50 -4.88 4.62 -11.52
CA ILE D 50 -4.28 5.87 -11.10
CA ILE D 50 -4.25 5.88 -11.15
C ILE D 50 -2.82 5.53 -10.74
N GLY D 51 -1.85 6.25 -11.30
CA GLY D 51 -0.46 5.94 -10.99
C GLY D 51 0.20 4.86 -11.85
N GLY D 52 -0.53 4.21 -12.74
CA GLY D 52 0.12 3.29 -13.69
C GLY D 52 -0.47 1.89 -13.68
N PHE D 53 0.24 0.93 -14.27
CA PHE D 53 -0.25 -0.44 -14.37
C PHE D 53 0.48 -1.36 -13.41
N ILE D 54 -0.17 -2.45 -13.01
CA ILE D 54 0.51 -3.55 -12.32
C ILE D 54 0.28 -4.83 -13.09
N LYS D 55 1.23 -5.73 -12.91
CA LYS D 55 1.19 -7.03 -13.53
C LYS D 55 0.50 -8.00 -12.58
N VAL D 56 -0.37 -8.81 -13.15
CA VAL D 56 -1.19 -9.70 -12.36
C VAL D 56 -1.23 -11.08 -13.04
N ARG D 57 -1.72 -12.06 -12.28
CA ARG D 57 -1.92 -13.41 -12.76
C ARG D 57 -3.40 -13.62 -12.89
N GLN D 58 -3.84 -13.99 -14.08
CA GLN D 58 -5.26 -14.19 -14.37
C GLN D 58 -5.63 -15.66 -14.26
N TYR D 59 -6.50 -15.96 -13.31
CA TYR D 59 -7.07 -17.30 -13.12
C TYR D 59 -8.52 -17.36 -13.56
N ASP D 60 -8.87 -18.45 -14.23
CA ASP D 60 -10.22 -18.61 -14.76
C ASP D 60 -11.09 -19.53 -13.90
N GLN D 61 -12.39 -19.25 -13.92
CA GLN D 61 -13.40 -20.11 -13.31
C GLN D 61 -13.10 -20.42 -11.85
N ILE D 62 -12.84 -19.35 -11.10
CA ILE D 62 -12.59 -19.41 -9.69
C ILE D 62 -13.91 -19.07 -9.01
N PRO D 63 -14.36 -19.93 -8.09
CA PRO D 63 -15.50 -19.63 -7.23
C PRO D 63 -15.18 -18.61 -6.13
N ILE D 64 -16.06 -17.62 -5.98
CA ILE D 64 -16.00 -16.66 -4.88
C ILE D 64 -17.38 -16.46 -4.23
N GLU D 65 -17.38 -16.38 -2.90
CA GLU D 65 -18.60 -16.11 -2.14
C GLU D 65 -18.51 -14.69 -1.58
N ILE D 66 -19.48 -13.86 -1.94
CA ILE D 66 -19.47 -12.45 -1.54
C ILE D 66 -20.79 -12.12 -0.85
N CYS D 67 -20.71 -11.75 0.42
CA CYS D 67 -21.88 -11.56 1.29
C CYS D 67 -23.03 -12.48 0.88
N GLY D 68 -22.78 -13.78 0.95
CA GLY D 68 -23.84 -14.79 0.78
C GLY D 68 -24.31 -15.00 -0.65
N HIS D 69 -23.64 -14.38 -1.62
CA HIS D 69 -23.87 -14.69 -3.01
C HIS D 69 -22.70 -15.53 -3.53
N LYS D 70 -23.01 -16.58 -4.29
CA LYS D 70 -22.00 -17.38 -4.95
C LYS D 70 -21.78 -16.86 -6.36
N ALA D 71 -20.52 -16.71 -6.73
CA ALA D 71 -20.14 -16.33 -8.08
C ALA D 71 -18.96 -17.19 -8.53
N ILE D 72 -18.86 -17.42 -9.82
CA ILE D 72 -17.69 -18.08 -10.39
C ILE D 72 -17.25 -17.27 -11.60
N GLY D 73 -15.99 -16.86 -11.62
CA GLY D 73 -15.44 -16.12 -12.76
C GLY D 73 -13.92 -15.95 -12.78
N THR D 74 -13.45 -15.05 -13.64
CA THR D 74 -12.03 -14.74 -13.76
C THR D 74 -11.55 -13.91 -12.57
N VAL D 75 -10.33 -14.13 -12.09
CA VAL D 75 -9.88 -13.45 -10.87
C VAL D 75 -8.41 -13.11 -11.14
N LEU D 76 -8.04 -11.86 -10.90
CA LEU D 76 -6.67 -11.42 -11.09
C LEU D 76 -6.02 -11.41 -9.73
N VAL D 77 -4.75 -11.77 -9.66
CA VAL D 77 -4.05 -11.80 -8.39
C VAL D 77 -2.73 -11.05 -8.58
N GLY D 78 -2.47 -10.11 -7.70
CA GLY D 78 -1.23 -9.30 -7.81
C GLY D 78 -1.10 -8.30 -6.67
N PRO D 79 -0.19 -7.31 -6.83
CA PRO D 79 0.14 -6.26 -5.86
C PRO D 79 -0.87 -5.12 -5.84
N THR D 80 -2.15 -5.48 -5.72
CA THR D 80 -3.18 -4.51 -5.51
C THR D 80 -3.17 -4.18 -4.03
N PRO D 81 -3.27 -2.87 -3.69
CA PRO D 81 -3.40 -2.40 -2.32
C PRO D 81 -4.48 -3.08 -1.51
N VAL D 82 -5.65 -3.32 -2.07
CA VAL D 82 -6.72 -3.97 -1.31
C VAL D 82 -7.44 -4.92 -2.23
N ASN D 83 -8.15 -5.89 -1.68
CA ASN D 83 -8.97 -6.78 -2.52
C ASN D 83 -10.13 -5.98 -3.13
N ILE D 84 -10.30 -6.11 -4.45
CA ILE D 84 -11.28 -5.34 -5.21
C ILE D 84 -12.27 -6.24 -5.97
N ILE D 85 -13.54 -6.03 -5.70
CA ILE D 85 -14.58 -6.70 -6.48
C ILE D 85 -15.02 -5.75 -7.57
N GLY D 86 -14.75 -6.08 -8.81
CA GLY D 86 -15.05 -5.23 -9.91
C GLY D 86 -16.33 -5.63 -10.64
N ARG D 87 -16.59 -4.95 -11.73
CA ARG D 87 -17.94 -4.96 -12.33
C ARG D 87 -18.26 -6.34 -12.91
N ASP D 88 -17.21 -7.09 -13.23
CA ASP D 88 -17.38 -8.48 -13.65
C ASP D 88 -18.15 -9.34 -12.66
N LEU D 89 -17.80 -9.28 -11.37
CA LEU D 89 -18.54 -10.02 -10.34
C LEU D 89 -19.71 -9.28 -9.69
N LEU D 90 -19.67 -7.95 -9.69
CA LEU D 90 -20.82 -7.17 -9.21
C LEU D 90 -22.10 -7.55 -9.97
N THR D 91 -21.98 -7.61 -11.28
CA THR D 91 -23.14 -8.02 -12.08
C THR D 91 -23.59 -9.44 -11.74
N GLN D 92 -22.63 -10.36 -11.60
CA GLN D 92 -22.96 -11.73 -11.25
C GLN D 92 -23.79 -11.84 -9.98
N ILE D 93 -23.57 -10.97 -9.01
CA ILE D 93 -24.34 -11.07 -7.78
C ILE D 93 -25.60 -10.23 -7.74
N GLY D 94 -25.94 -9.56 -8.84
CA GLY D 94 -27.11 -8.70 -8.90
C GLY D 94 -26.91 -7.20 -8.78
N CYS D 95 -25.70 -6.76 -8.42
CA CYS D 95 -25.49 -5.46 -7.78
C CYS D 95 -25.73 -4.30 -8.76
N THR D 96 -26.40 -3.24 -8.30
CA THR D 96 -26.63 -2.07 -9.13
C THR D 96 -26.22 -0.81 -8.36
N LEU D 97 -25.95 0.27 -9.09
CA LEU D 97 -25.84 1.61 -8.53
C LEU D 97 -27.19 2.31 -8.66
N ASN D 98 -27.72 2.80 -7.55
CA ASN D 98 -29.00 3.53 -7.57
C ASN D 98 -28.86 4.95 -7.05
N PHE D 99 -29.31 5.94 -7.83
CA PHE D 99 -29.54 7.30 -7.31
C PHE D 99 -30.66 8.08 -8.00
N PRO E 2 5.11 -1.79 18.40
CA PRO E 2 6.34 -1.29 17.79
C PRO E 2 6.19 -1.41 16.27
N GLY E 3 6.86 -0.53 15.54
CA GLY E 3 6.66 -0.50 14.10
C GLY E 3 7.86 -0.07 13.29
N ASN E 4 9.04 0.01 13.92
CA ASN E 4 10.25 0.42 13.19
C ASN E 4 11.38 -0.57 13.45
N PHE E 5 11.60 -1.41 12.47
CA PHE E 5 12.53 -2.50 12.72
C PHE E 5 13.88 -2.34 12.05
N PHE E 6 14.35 -1.09 11.95
CA PHE E 6 15.75 -0.82 11.63
C PHE E 6 16.69 -1.72 12.45
N GLN E 7 17.70 -2.26 11.82
CA GLN E 7 18.68 -3.11 12.52
C GLN E 7 20.06 -2.95 11.87
N ASN E 8 21.05 -2.75 12.75
CA ASN E 8 22.43 -2.50 12.39
C ASN E 8 23.29 -3.68 12.85
N ARG E 9 24.12 -4.20 11.96
CA ARG E 9 24.97 -5.35 12.23
C ARG E 9 25.84 -5.07 13.45
N PRO E 10 26.36 -6.13 14.08
CA PRO E 10 27.24 -5.90 15.22
C PRO E 10 28.47 -5.02 14.89
N PRO F 2 -7.48 -2.79 -18.47
CA PRO F 2 -7.95 -2.02 -17.31
C PRO F 2 -7.64 -0.51 -17.34
N GLY F 3 -8.37 0.23 -16.52
CA GLY F 3 -9.63 -0.26 -15.98
C GLY F 3 -9.74 -0.57 -14.49
N ASN F 4 -8.84 -0.08 -13.65
CA ASN F 4 -9.09 -0.16 -12.20
C ASN F 4 -8.84 1.13 -11.43
N PHE F 5 -9.91 1.84 -11.19
CA PHE F 5 -9.69 3.17 -10.67
C PHE F 5 -9.94 3.30 -9.18
N PHE F 6 -9.60 2.26 -8.42
CA PHE F 6 -9.39 2.44 -6.98
C PHE F 6 -8.63 3.72 -6.66
N GLN F 7 -9.15 4.48 -5.72
CA GLN F 7 -8.43 5.65 -5.24
C GLN F 7 -8.58 5.87 -3.73
N ASN F 8 -7.45 6.04 -3.07
CA ASN F 8 -7.38 6.15 -1.62
C ASN F 8 -7.16 7.62 -1.23
N ARG F 9 -7.93 8.06 -0.24
CA ARG F 9 -7.96 9.44 0.24
C ARG F 9 -6.56 9.91 0.60
#